data_8QSE
#
_entry.id   8QSE
#
_cell.length_a   61.021
_cell.length_b   88.813
_cell.length_c   117.975
_cell.angle_alpha   90.00
_cell.angle_beta   90.00
_cell.angle_gamma   90.00
#
_symmetry.space_group_name_H-M   'P 2 21 21'
#
loop_
_entity.id
_entity.type
_entity.pdbx_description
1 polymer '14-3-3 protein sigma'
2 polymer 'BRAF peptide pS365'
3 non-polymer 2-chloranyl-~{N}-[[1-(4-iodophenyl)sulfonylpiperidin-4-yl]methyl]ethanamide
4 non-polymer 'MAGNESIUM ION'
5 non-polymer 'CHLORIDE ION'
6 water water
#
loop_
_entity_poly.entity_id
_entity_poly.type
_entity_poly.pdbx_seq_one_letter_code
_entity_poly.pdbx_strand_id
1 'polypeptide(L)'
;GAMGSMERASLIQKAKLAEQAERYEDMAAFMKGAVEKGEELSCEERNLLSVAYKNVVGGQRAAWRVLSSIEQKSNEEGSE
EKGPEVREYREKVETELQGVCDTVLGLLDSHLIKEAGDAESRVFYLKMKGDYYRYLAEVATGDDKKRIIDSARSAYQEAM
DISKKEMPPTNPIRLGLALNFSVFHYEIANSPEEAISLAKTTFDEAMADLHTLSEDSYKDSTLIMQLLRDNLTLWT
;
A,J
2 'polypeptide(L)' DRSS(SEP)APNV H,S
#
# COMPACT_ATOMS: atom_id res chain seq x y z
N ALA A 2 -19.75 -3.78 -10.03
CA ALA A 2 -21.02 -4.39 -9.65
C ALA A 2 -21.33 -4.27 -8.15
N MET A 3 -20.81 -3.22 -7.48
CA MET A 3 -21.09 -3.00 -6.06
C MET A 3 -22.59 -3.03 -5.83
N GLY A 4 -23.32 -2.35 -6.71
CA GLY A 4 -24.78 -2.27 -6.62
C GLY A 4 -25.53 -3.59 -6.67
N SER A 5 -24.91 -4.67 -7.21
CA SER A 5 -25.55 -5.99 -7.17
C SER A 5 -25.33 -6.77 -5.88
N MET A 6 -24.44 -6.27 -5.00
CA MET A 6 -24.20 -6.89 -3.71
C MET A 6 -25.20 -6.30 -2.72
N GLU A 7 -25.63 -7.11 -1.77
CA GLU A 7 -26.43 -6.65 -0.64
C GLU A 7 -25.62 -5.74 0.29
N ARG A 8 -26.28 -4.76 0.95
CA ARG A 8 -25.60 -3.87 1.86
C ARG A 8 -24.79 -4.62 2.91
N ALA A 9 -25.37 -5.68 3.48
CA ALA A 9 -24.66 -6.37 4.54
C ALA A 9 -23.35 -6.98 4.02
N SER A 10 -23.41 -7.47 2.78
CA SER A 10 -22.24 -8.06 2.15
C SER A 10 -21.15 -7.04 1.83
N LEU A 11 -21.55 -5.81 1.41
CA LEU A 11 -20.61 -4.72 1.21
C LEU A 11 -19.91 -4.32 2.50
N ILE A 12 -20.65 -4.22 3.61
CA ILE A 12 -20.01 -3.90 4.88
C ILE A 12 -19.03 -5.01 5.29
N GLN A 13 -19.45 -6.26 5.17
CA GLN A 13 -18.62 -7.40 5.54
C GLN A 13 -17.31 -7.36 4.72
N LYS A 14 -17.45 -7.15 3.41
CA LYS A 14 -16.26 -7.06 2.56
C LYS A 14 -15.37 -5.86 2.87
N ALA A 15 -15.93 -4.72 3.25
CA ALA A 15 -15.13 -3.58 3.72
C ALA A 15 -14.30 -3.96 4.95
N LYS A 16 -14.90 -4.71 5.89
CA LYS A 16 -14.16 -5.16 7.07
C LYS A 16 -13.03 -6.16 6.73
N LEU A 17 -13.30 -7.02 5.75
CA LEU A 17 -12.30 -7.98 5.27
C LEU A 17 -11.15 -7.22 4.60
N ALA A 18 -11.47 -6.24 3.77
CA ALA A 18 -10.47 -5.46 3.09
C ALA A 18 -9.61 -4.68 4.08
N GLU A 19 -10.24 -4.21 5.17
CA GLU A 19 -9.50 -3.54 6.22
C GLU A 19 -8.46 -4.52 6.83
N GLN A 20 -8.88 -5.73 7.14
CA GLN A 20 -8.00 -6.73 7.73
C GLN A 20 -6.83 -7.06 6.80
N ALA A 21 -7.09 -7.04 5.48
CA ALA A 21 -6.10 -7.34 4.48
C ALA A 21 -5.23 -6.13 4.06
N GLU A 22 -5.53 -4.96 4.62
CA GLU A 22 -4.83 -3.70 4.35
C GLU A 22 -4.99 -3.34 2.88
N ARG A 23 -6.18 -3.63 2.33
CA ARG A 23 -6.51 -3.31 0.97
C ARG A 23 -7.45 -2.10 0.96
N TYR A 24 -6.89 -0.89 1.12
CA TYR A 24 -7.74 0.24 1.45
C TYR A 24 -8.50 0.76 0.24
N GLU A 25 -7.92 0.67 -0.98
CA GLU A 25 -8.69 1.04 -2.17
C GLU A 25 -9.98 0.19 -2.32
N ASP A 26 -9.83 -1.13 -2.09
CA ASP A 26 -11.01 -1.99 -2.14
C ASP A 26 -12.00 -1.62 -1.03
N MET A 27 -11.50 -1.42 0.17
CA MET A 27 -12.32 -1.04 1.31
C MET A 27 -13.15 0.21 1.02
N ALA A 28 -12.52 1.18 0.36
CA ALA A 28 -13.22 2.41 0.04
C ALA A 28 -14.30 2.18 -1.00
N ALA A 29 -14.00 1.35 -1.99
CA ALA A 29 -14.97 1.04 -3.02
C ALA A 29 -16.20 0.34 -2.40
N PHE A 30 -15.94 -0.59 -1.47
CA PHE A 30 -17.03 -1.29 -0.79
C PHE A 30 -17.88 -0.31 0.00
N MET A 31 -17.24 0.63 0.71
CA MET A 31 -17.97 1.57 1.55
C MET A 31 -18.76 2.56 0.68
N LYS A 32 -18.21 2.98 -0.46
CA LYS A 32 -18.98 3.78 -1.41
C LYS A 32 -20.22 3.05 -1.91
N GLY A 33 -20.08 1.76 -2.22
CA GLY A 33 -21.27 0.98 -2.59
C GLY A 33 -22.28 0.92 -1.47
N ALA A 34 -21.80 0.79 -0.23
CA ALA A 34 -22.73 0.69 0.91
C ALA A 34 -23.45 2.02 1.11
N VAL A 35 -22.74 3.14 0.98
CA VAL A 35 -23.37 4.43 1.08
C VAL A 35 -24.48 4.59 0.05
N GLU A 36 -24.21 4.11 -1.17
CA GLU A 36 -25.13 4.22 -2.28
C GLU A 36 -26.42 3.42 -2.10
N LYS A 37 -26.47 2.53 -1.10
CA LYS A 37 -27.69 1.82 -0.76
C LYS A 37 -28.74 2.75 -0.14
N GLY A 38 -28.30 3.90 0.37
CA GLY A 38 -29.18 4.98 0.78
C GLY A 38 -29.60 5.01 2.25
N GLU A 39 -29.12 4.06 3.06
CA GLU A 39 -29.32 4.11 4.50
C GLU A 39 -28.24 4.95 5.15
N GLU A 40 -28.57 5.56 6.29
CA GLU A 40 -27.59 6.22 7.13
C GLU A 40 -26.51 5.21 7.53
N LEU A 41 -25.32 5.71 7.80
CA LEU A 41 -24.26 4.89 8.35
C LEU A 41 -24.28 4.98 9.88
N SER A 42 -24.03 3.84 10.55
CA SER A 42 -23.74 3.85 11.97
C SER A 42 -22.39 4.49 12.28
N CYS A 43 -22.07 4.71 13.57
CA CYS A 43 -20.71 5.08 13.96
C CYS A 43 -19.63 4.16 13.41
N GLU A 44 -19.81 2.83 13.58
CA GLU A 44 -18.80 1.89 13.17
C GLU A 44 -18.59 2.08 11.67
N GLU A 45 -19.71 2.23 10.95
CA GLU A 45 -19.67 2.30 9.49
C GLU A 45 -19.03 3.60 8.99
N ARG A 46 -19.31 4.72 9.69
CA ARG A 46 -18.58 5.95 9.42
C ARG A 46 -17.08 5.83 9.59
N ASN A 47 -16.68 5.08 10.61
CA ASN A 47 -15.29 4.82 10.83
C ASN A 47 -14.67 4.01 9.68
N LEU A 48 -15.39 3.02 9.19
CA LEU A 48 -14.91 2.25 8.04
C LEU A 48 -14.71 3.16 6.82
N LEU A 49 -15.70 4.02 6.54
CA LEU A 49 -15.64 4.92 5.41
C LEU A 49 -14.44 5.86 5.51
N SER A 50 -14.28 6.44 6.71
CA SER A 50 -13.20 7.39 6.99
C SER A 50 -11.82 6.75 6.90
N VAL A 51 -11.62 5.60 7.55
CA VAL A 51 -10.34 4.89 7.50
C VAL A 51 -9.93 4.58 6.07
N ALA A 52 -10.88 4.08 5.30
CA ALA A 52 -10.60 3.60 3.94
C ALA A 52 -10.10 4.78 3.10
N TYR A 53 -10.90 5.85 3.03
CA TYR A 53 -10.53 6.96 2.14
C TYR A 53 -9.33 7.74 2.67
N LYS A 54 -9.20 7.85 4.00
CA LYS A 54 -8.02 8.54 4.53
C LYS A 54 -6.72 7.80 4.23
N ASN A 55 -6.75 6.46 4.25
CA ASN A 55 -5.60 5.67 3.84
C ASN A 55 -5.23 5.84 2.37
N VAL A 56 -6.24 5.82 1.50
CA VAL A 56 -6.02 6.03 0.08
C VAL A 56 -5.40 7.41 -0.18
N VAL A 57 -6.08 8.47 0.27
CA VAL A 57 -5.57 9.82 0.00
C VAL A 57 -4.26 10.06 0.75
N GLY A 58 -4.09 9.42 1.91
CA GLY A 58 -2.85 9.55 2.66
C GLY A 58 -1.66 9.08 1.85
N GLY A 59 -1.79 7.92 1.18
CA GLY A 59 -0.74 7.44 0.29
C GLY A 59 -0.43 8.42 -0.85
N GLN A 60 -1.49 8.95 -1.46
CA GLN A 60 -1.37 9.92 -2.54
C GLN A 60 -0.68 11.21 -2.10
N ARG A 61 -1.09 11.72 -0.93
CA ARG A 61 -0.50 12.94 -0.38
C ARG A 61 0.99 12.74 -0.08
N ALA A 62 1.35 11.59 0.51
CA ALA A 62 2.75 11.31 0.78
C ALA A 62 3.58 11.26 -0.52
N ALA A 63 3.01 10.63 -1.55
CA ALA A 63 3.72 10.51 -2.81
C ALA A 63 3.87 11.87 -3.49
N TRP A 64 2.79 12.65 -3.44
CA TRP A 64 2.81 14.00 -4.00
C TRP A 64 3.90 14.86 -3.35
N ARG A 65 4.00 14.78 -2.01
CA ARG A 65 5.00 15.55 -1.29
C ARG A 65 6.42 15.15 -1.66
N VAL A 66 6.67 13.86 -1.83
CA VAL A 66 7.98 13.42 -2.29
C VAL A 66 8.30 14.03 -3.66
N LEU A 67 7.34 13.93 -4.58
CA LEU A 67 7.60 14.33 -5.96
C LEU A 67 7.76 15.85 -6.06
N SER A 68 6.89 16.56 -5.32
CA SER A 68 6.94 18.02 -5.27
C SER A 68 8.29 18.51 -4.73
N SER A 69 8.81 17.82 -3.72
CA SER A 69 10.11 18.15 -3.18
C SER A 69 11.23 17.98 -4.23
N ILE A 70 11.22 16.85 -4.93
CA ILE A 70 12.18 16.58 -5.98
C ILE A 70 12.06 17.62 -7.09
N GLU A 71 10.80 17.98 -7.42
CA GLU A 71 10.54 18.95 -8.48
C GLU A 71 11.15 20.30 -8.11
N GLN A 72 10.91 20.71 -6.86
CA GLN A 72 11.40 22.01 -6.41
C GLN A 72 12.93 22.06 -6.33
N LYS A 73 13.55 20.95 -5.93
CA LYS A 73 15.00 20.87 -5.84
C LYS A 73 15.60 20.92 -7.23
N SER A 74 14.99 20.18 -8.16
CA SER A 74 15.41 20.20 -9.55
C SER A 74 15.40 21.62 -10.15
N ASN A 75 14.30 22.36 -9.93
CA ASN A 75 14.21 23.74 -10.41
C ASN A 75 15.22 24.72 -9.82
N GLU A 76 15.49 24.65 -8.51
CA GLU A 76 16.47 25.50 -7.83
C GLU A 76 17.56 26.10 -8.76
N GLY A 83 14.87 17.58 -16.64
CA GLY A 83 13.97 17.25 -17.73
C GLY A 83 12.51 17.43 -17.34
N PRO A 84 11.54 17.08 -18.22
CA PRO A 84 10.11 17.22 -17.89
C PRO A 84 9.52 16.10 -17.02
N GLU A 85 10.26 15.00 -16.81
CA GLU A 85 9.68 13.83 -16.15
C GLU A 85 9.08 14.05 -14.77
N VAL A 86 9.78 14.75 -13.88
CA VAL A 86 9.26 14.85 -12.53
C VAL A 86 7.97 15.70 -12.52
N ARG A 87 7.92 16.78 -13.33
CA ARG A 87 6.69 17.55 -13.40
C ARG A 87 5.52 16.71 -13.91
N GLU A 88 5.78 15.95 -14.99
CA GLU A 88 4.75 15.11 -15.60
C GLU A 88 4.22 14.09 -14.60
N TYR A 89 5.13 13.45 -13.85
CA TYR A 89 4.71 12.40 -12.92
C TYR A 89 4.02 12.98 -11.69
N ARG A 90 4.54 14.09 -11.17
CA ARG A 90 3.86 14.79 -10.09
C ARG A 90 2.43 15.18 -10.50
N GLU A 91 2.26 15.67 -11.74
CA GLU A 91 0.93 15.99 -12.28
C GLU A 91 0.01 14.77 -12.35
N LYS A 92 0.55 13.61 -12.77
CA LYS A 92 -0.24 12.38 -12.80
C LYS A 92 -0.76 11.98 -11.42
N VAL A 93 0.13 11.99 -10.40
CA VAL A 93 -0.24 11.66 -9.03
C VAL A 93 -1.26 12.68 -8.52
N GLU A 94 -1.00 13.98 -8.79
CA GLU A 94 -1.90 15.05 -8.39
C GLU A 94 -3.32 14.84 -8.93
N THR A 95 -3.41 14.44 -10.19
CA THR A 95 -4.70 14.25 -10.84
C THR A 95 -5.47 13.10 -10.20
N GLU A 96 -4.73 12.03 -9.84
CA GLU A 96 -5.36 10.90 -9.17
C GLU A 96 -5.86 11.27 -7.79
N LEU A 97 -5.06 12.04 -7.04
CA LEU A 97 -5.45 12.57 -5.74
C LEU A 97 -6.71 13.44 -5.79
N GLN A 98 -6.74 14.36 -6.76
CA GLN A 98 -7.92 15.17 -6.98
C GLN A 98 -9.15 14.32 -7.28
N GLY A 99 -8.97 13.27 -8.11
CA GLY A 99 -10.04 12.34 -8.37
C GLY A 99 -10.67 11.69 -7.14
N VAL A 100 -9.83 11.22 -6.23
CA VAL A 100 -10.30 10.64 -5.00
C VAL A 100 -11.02 11.65 -4.12
N CYS A 101 -10.43 12.85 -3.99
CA CYS A 101 -11.07 13.90 -3.22
C CYS A 101 -12.43 14.23 -3.82
N ASP A 102 -12.50 14.31 -5.16
CA ASP A 102 -13.78 14.61 -5.80
C ASP A 102 -14.83 13.52 -5.54
N THR A 103 -14.39 12.25 -5.52
CA THR A 103 -15.28 11.13 -5.22
C THR A 103 -15.89 11.25 -3.81
N VAL A 104 -15.02 11.58 -2.84
CA VAL A 104 -15.45 11.69 -1.46
C VAL A 104 -16.41 12.88 -1.35
N LEU A 105 -16.03 14.03 -1.92
CA LEU A 105 -16.86 15.22 -1.84
C LEU A 105 -18.22 14.96 -2.51
N GLY A 106 -18.21 14.24 -3.64
CA GLY A 106 -19.45 13.90 -4.32
C GLY A 106 -20.39 13.06 -3.47
N LEU A 107 -19.82 12.09 -2.75
CA LEU A 107 -20.61 11.23 -1.89
C LEU A 107 -21.19 12.00 -0.69
N LEU A 108 -20.39 12.92 -0.15
CA LEU A 108 -20.85 13.75 0.96
C LEU A 108 -22.02 14.58 0.52
N ASP A 109 -21.92 15.15 -0.69
CA ASP A 109 -22.97 16.02 -1.22
C ASP A 109 -24.20 15.23 -1.63
N SER A 110 -24.01 14.10 -2.32
CA SER A 110 -25.12 13.39 -2.91
C SER A 110 -25.91 12.55 -1.90
N HIS A 111 -25.24 12.06 -0.86
CA HIS A 111 -25.79 11.03 0.04
C HIS A 111 -25.67 11.35 1.53
N LEU A 112 -24.57 11.92 2.00
CA LEU A 112 -24.28 11.84 3.43
C LEU A 112 -24.68 13.06 4.26
N ILE A 113 -24.40 14.26 3.74
CA ILE A 113 -24.70 15.48 4.45
C ILE A 113 -26.19 15.76 4.34
N LYS A 114 -26.90 15.83 5.47
CA LYS A 114 -28.29 16.25 5.34
C LYS A 114 -28.70 17.18 6.49
N GLU A 115 -29.84 17.87 6.34
CA GLU A 115 -30.32 18.76 7.39
C GLU A 115 -30.73 17.99 8.66
N ALA A 116 -31.15 16.73 8.49
CA ALA A 116 -31.56 15.90 9.61
C ALA A 116 -30.49 14.92 10.08
N GLY A 117 -30.83 14.24 11.17
CA GLY A 117 -29.94 13.26 11.76
C GLY A 117 -29.28 13.97 12.93
N ASP A 118 -28.61 13.17 13.73
CA ASP A 118 -28.10 13.68 14.97
C ASP A 118 -26.96 14.65 14.64
N ALA A 119 -26.65 15.49 15.62
CA ALA A 119 -25.60 16.49 15.45
C ALA A 119 -24.25 15.84 15.20
N GLU A 120 -24.00 14.73 15.90
CA GLU A 120 -22.75 14.04 15.78
C GLU A 120 -22.47 13.65 14.32
N SER A 121 -23.46 13.06 13.63
CA SER A 121 -23.21 12.64 12.27
C SER A 121 -23.11 13.85 11.33
N ARG A 122 -23.91 14.89 11.56
CA ARG A 122 -23.86 16.08 10.72
C ARG A 122 -22.49 16.74 10.81
N VAL A 123 -21.95 16.86 12.03
CA VAL A 123 -20.65 17.47 12.22
C VAL A 123 -19.55 16.61 11.64
N PHE A 124 -19.63 15.30 11.86
CA PHE A 124 -18.66 14.38 11.24
C PHE A 124 -18.54 14.56 9.72
N TYR A 125 -19.66 14.62 9.02
CA TYR A 125 -19.63 14.74 7.56
C TYR A 125 -19.19 16.13 7.09
N LEU A 126 -19.53 17.18 7.83
CA LEU A 126 -19.08 18.53 7.49
C LEU A 126 -17.59 18.70 7.70
N LYS A 127 -17.09 18.10 8.77
CA LYS A 127 -15.67 17.98 9.02
C LYS A 127 -15.00 17.27 7.86
N MET A 128 -15.59 16.15 7.42
CA MET A 128 -14.97 15.41 6.32
C MET A 128 -14.92 16.24 5.03
N LYS A 129 -15.97 17.03 4.79
CA LYS A 129 -15.99 17.92 3.64
C LYS A 129 -14.87 18.95 3.75
N GLY A 130 -14.70 19.53 4.93
CA GLY A 130 -13.58 20.44 5.15
C GLY A 130 -12.23 19.79 4.90
N ASP A 131 -12.05 18.56 5.41
CA ASP A 131 -10.81 17.84 5.24
C ASP A 131 -10.44 17.63 3.76
N TYR A 132 -11.41 17.17 2.97
CA TYR A 132 -11.10 16.81 1.59
C TYR A 132 -10.94 18.05 0.71
N TYR A 133 -11.60 19.17 1.04
CA TYR A 133 -11.27 20.43 0.39
C TYR A 133 -9.87 20.89 0.81
N ARG A 134 -9.49 20.64 2.07
CA ARG A 134 -8.15 20.98 2.52
C ARG A 134 -7.11 20.18 1.75
N TYR A 135 -7.38 18.90 1.49
CA TYR A 135 -6.42 18.09 0.72
C TYR A 135 -6.32 18.61 -0.71
N LEU A 136 -7.43 19.06 -1.31
CA LEU A 136 -7.37 19.74 -2.60
C LEU A 136 -6.57 21.03 -2.55
N ALA A 137 -6.69 21.76 -1.44
CA ALA A 137 -5.96 23.01 -1.29
C ALA A 137 -4.46 22.81 -1.23
N GLU A 138 -4.01 21.70 -0.63
CA GLU A 138 -2.59 21.40 -0.53
C GLU A 138 -1.88 21.38 -1.88
N VAL A 139 -2.62 21.01 -2.93
CA VAL A 139 -2.05 20.89 -4.26
C VAL A 139 -2.50 22.00 -5.23
N ALA A 140 -3.46 22.82 -4.83
CA ALA A 140 -4.02 23.82 -5.74
C ALA A 140 -3.07 25.01 -5.91
N THR A 141 -3.00 25.57 -7.11
CA THR A 141 -2.27 26.81 -7.38
C THR A 141 -3.13 27.70 -8.26
N GLY A 142 -3.43 28.94 -7.81
CA GLY A 142 -4.14 29.93 -8.62
C GLY A 142 -5.50 30.41 -8.08
N ASP A 143 -6.42 30.75 -9.00
CA ASP A 143 -7.75 31.21 -8.64
C ASP A 143 -8.63 30.12 -8.03
N ASP A 144 -8.46 28.92 -8.57
CA ASP A 144 -9.16 27.78 -8.04
C ASP A 144 -8.76 27.58 -6.58
N LYS A 145 -7.54 27.97 -6.21
CA LYS A 145 -7.08 27.75 -4.85
C LYS A 145 -7.93 28.55 -3.87
N LYS A 146 -8.23 29.81 -4.21
CA LYS A 146 -9.00 30.67 -3.32
C LYS A 146 -10.39 30.08 -3.10
N ARG A 147 -11.05 29.61 -4.18
CA ARG A 147 -12.36 28.97 -4.08
C ARG A 147 -12.32 27.72 -3.20
N ILE A 148 -11.32 26.87 -3.43
CA ILE A 148 -11.16 25.67 -2.63
C ILE A 148 -10.97 25.96 -1.14
N ILE A 149 -10.13 26.95 -0.83
CA ILE A 149 -9.90 27.33 0.54
C ILE A 149 -11.20 27.83 1.17
N ASP A 150 -11.99 28.61 0.42
CA ASP A 150 -13.24 29.16 0.94
C ASP A 150 -14.23 28.04 1.24
N SER A 151 -14.22 27.01 0.38
CA SER A 151 -15.08 25.85 0.56
C SER A 151 -14.71 25.06 1.81
N ALA A 152 -13.40 24.88 2.06
CA ALA A 152 -12.93 24.22 3.26
C ALA A 152 -13.34 25.00 4.51
N ARG A 153 -13.08 26.32 4.49
CA ARG A 153 -13.42 27.16 5.62
C ARG A 153 -14.92 27.11 5.92
N SER A 154 -15.77 27.18 4.88
CA SER A 154 -17.21 27.19 5.07
C SER A 154 -17.72 25.92 5.73
N ALA A 155 -17.17 24.79 5.28
CA ALA A 155 -17.54 23.49 5.84
C ALA A 155 -17.13 23.34 7.29
N TYR A 156 -15.86 23.63 7.57
CA TYR A 156 -15.39 23.62 8.94
C TYR A 156 -16.19 24.57 9.85
N GLN A 157 -16.46 25.80 9.39
CA GLN A 157 -17.16 26.75 10.24
C GLN A 157 -18.57 26.28 10.58
N GLU A 158 -19.27 25.72 9.59
CA GLU A 158 -20.61 25.22 9.84
C GLU A 158 -20.54 24.08 10.86
N ALA A 159 -19.57 23.17 10.69
CA ALA A 159 -19.37 22.11 11.65
C ALA A 159 -19.08 22.64 13.05
N MET A 160 -18.22 23.67 13.14
CA MET A 160 -17.88 24.28 14.43
C MET A 160 -19.13 24.83 15.09
N ASP A 161 -19.97 25.50 14.30
CA ASP A 161 -21.13 26.16 14.86
C ASP A 161 -22.12 25.17 15.45
N ILE A 162 -22.33 24.04 14.76
CA ILE A 162 -23.19 22.96 15.23
C ILE A 162 -22.61 22.33 16.49
N SER A 163 -21.31 22.03 16.44
CA SER A 163 -20.65 21.29 17.52
C SER A 163 -20.69 22.09 18.84
N LYS A 164 -20.58 23.42 18.74
CA LYS A 164 -20.56 24.30 19.91
C LYS A 164 -21.95 24.38 20.51
N LYS A 165 -22.99 24.31 19.68
CA LYS A 165 -24.36 24.33 20.17
C LYS A 165 -24.83 22.99 20.72
N GLU A 166 -24.33 21.87 20.17
CA GLU A 166 -25.00 20.61 20.35
C GLU A 166 -24.19 19.53 21.03
N MET A 167 -22.87 19.73 21.17
CA MET A 167 -22.00 18.66 21.63
C MET A 167 -21.12 19.15 22.78
N PRO A 168 -20.76 18.29 23.74
CA PRO A 168 -19.85 18.70 24.80
C PRO A 168 -18.45 18.96 24.25
N PRO A 169 -17.67 19.80 24.95
CA PRO A 169 -16.34 20.19 24.48
C PRO A 169 -15.32 19.07 24.37
N THR A 170 -15.56 17.95 25.08
CA THR A 170 -14.63 16.84 25.06
C THR A 170 -15.08 15.71 24.15
N ASN A 171 -16.19 15.93 23.41
CA ASN A 171 -16.65 14.93 22.44
C ASN A 171 -15.57 14.74 21.37
N PRO A 172 -15.21 13.49 21.03
CA PRO A 172 -14.11 13.24 20.11
C PRO A 172 -14.29 13.79 18.70
N ILE A 173 -15.54 13.84 18.21
CA ILE A 173 -15.81 14.43 16.90
C ILE A 173 -15.58 15.93 16.97
N ARG A 174 -16.12 16.59 18.00
CA ARG A 174 -15.87 18.02 18.19
C ARG A 174 -14.38 18.32 18.27
N LEU A 175 -13.64 17.47 19.00
CA LEU A 175 -12.21 17.66 19.15
C LEU A 175 -11.43 17.47 17.86
N GLY A 176 -11.73 16.39 17.13
CA GLY A 176 -11.10 16.12 15.86
C GLY A 176 -11.33 17.21 14.81
N LEU A 177 -12.56 17.76 14.82
CA LEU A 177 -12.90 18.90 13.98
C LEU A 177 -12.06 20.12 14.35
N ALA A 178 -11.99 20.46 15.63
CA ALA A 178 -11.24 21.64 16.02
C ALA A 178 -9.74 21.49 15.72
N LEU A 179 -9.20 20.31 15.97
CA LEU A 179 -7.81 20.01 15.63
C LEU A 179 -7.59 20.24 14.14
N ASN A 180 -8.42 19.62 13.30
CA ASN A 180 -8.24 19.80 11.85
C ASN A 180 -8.46 21.22 11.35
N PHE A 181 -9.41 21.96 11.95
CA PHE A 181 -9.64 23.34 11.56
C PHE A 181 -8.43 24.20 11.97
N SER A 182 -7.82 23.90 13.10
CA SER A 182 -6.59 24.59 13.50
C SER A 182 -5.45 24.31 12.53
N VAL A 183 -5.32 23.07 12.04
CA VAL A 183 -4.35 22.73 11.02
C VAL A 183 -4.61 23.52 9.73
N PHE A 184 -5.87 23.57 9.30
CA PHE A 184 -6.26 24.42 8.18
C PHE A 184 -5.76 25.86 8.35
N HIS A 185 -5.99 26.45 9.53
CA HIS A 185 -5.58 27.83 9.76
C HIS A 185 -4.06 27.98 9.57
N TYR A 186 -3.31 27.04 10.17
CA TYR A 186 -1.87 27.14 10.21
C TYR A 186 -1.23 26.86 8.85
N GLU A 187 -1.64 25.77 8.21
CA GLU A 187 -0.95 25.21 7.06
C GLU A 187 -1.51 25.71 5.73
N ILE A 188 -2.79 26.08 5.71
CA ILE A 188 -3.47 26.43 4.47
C ILE A 188 -3.81 27.92 4.37
N ALA A 189 -4.35 28.48 5.46
CA ALA A 189 -4.91 29.81 5.46
C ALA A 189 -3.96 30.91 5.92
N ASN A 190 -2.71 30.56 6.19
CA ASN A 190 -1.71 31.55 6.61
C ASN A 190 -2.22 32.35 7.82
N SER A 191 -2.80 31.64 8.80
CA SER A 191 -3.40 32.26 9.97
C SER A 191 -2.90 31.62 11.26
N PRO A 192 -1.59 31.79 11.60
CA PRO A 192 -1.04 31.10 12.75
C PRO A 192 -1.68 31.59 14.05
N GLU A 193 -2.04 32.89 14.09
CA GLU A 193 -2.65 33.43 15.30
C GLU A 193 -3.97 32.72 15.60
N GLU A 194 -4.77 32.56 14.54
CA GLU A 194 -6.04 31.86 14.72
C GLU A 194 -5.83 30.37 15.02
N ALA A 195 -4.84 29.74 14.39
CA ALA A 195 -4.57 28.34 14.68
C ALA A 195 -4.26 28.11 16.16
N ILE A 196 -3.36 28.91 16.69
CA ILE A 196 -2.91 28.79 18.07
C ILE A 196 -4.04 29.12 19.02
N SER A 197 -4.73 30.22 18.78
CA SER A 197 -5.87 30.56 19.63
C SER A 197 -6.96 29.50 19.67
N LEU A 198 -7.34 28.99 18.49
CA LEU A 198 -8.32 27.89 18.44
C LEU A 198 -7.82 26.66 19.19
N ALA A 199 -6.58 26.24 18.93
CA ALA A 199 -6.07 25.06 19.59
C ALA A 199 -5.99 25.21 21.09
N LYS A 200 -5.55 26.39 21.58
CA LYS A 200 -5.43 26.59 23.00
C LYS A 200 -6.80 26.64 23.69
N THR A 201 -7.75 27.35 23.08
CA THR A 201 -9.12 27.40 23.62
C THR A 201 -9.77 26.02 23.63
N THR A 202 -9.61 25.29 22.54
CA THR A 202 -10.11 23.91 22.43
C THR A 202 -9.55 23.02 23.54
N PHE A 203 -8.23 23.03 23.69
CA PHE A 203 -7.56 22.22 24.71
C PHE A 203 -8.09 22.55 26.11
N ASP A 204 -8.11 23.84 26.44
CA ASP A 204 -8.49 24.23 27.79
C ASP A 204 -9.94 23.90 28.12
N GLU A 205 -10.84 24.15 27.16
CA GLU A 205 -12.26 23.89 27.37
C GLU A 205 -12.54 22.40 27.44
N ALA A 206 -11.79 21.60 26.67
CA ALA A 206 -11.91 20.16 26.74
C ALA A 206 -11.41 19.63 28.07
N MET A 207 -10.27 20.14 28.57
CA MET A 207 -9.74 19.61 29.81
C MET A 207 -10.71 19.98 30.95
N ALA A 208 -11.32 21.16 30.87
CA ALA A 208 -12.24 21.61 31.92
C ALA A 208 -13.49 20.74 32.04
N ASP A 209 -13.85 20.05 30.97
CA ASP A 209 -15.02 19.19 31.00
C ASP A 209 -14.67 17.71 30.86
N LEU A 210 -13.38 17.35 30.93
CA LEU A 210 -12.99 15.95 30.74
C LEU A 210 -13.62 14.99 31.78
N HIS A 211 -13.85 15.48 32.98
CA HIS A 211 -14.43 14.68 34.05
C HIS A 211 -15.87 14.23 33.73
N THR A 212 -16.50 14.80 32.70
CA THR A 212 -17.83 14.39 32.28
C THR A 212 -17.88 13.44 31.09
N LEU A 213 -16.72 13.20 30.48
CA LEU A 213 -16.65 12.40 29.27
C LEU A 213 -16.83 10.91 29.57
N SER A 214 -17.60 10.22 28.74
CA SER A 214 -17.81 8.79 28.97
C SER A 214 -16.53 8.00 28.71
N GLU A 215 -16.39 6.85 29.38
CA GLU A 215 -15.19 6.05 29.27
C GLU A 215 -14.92 5.54 27.85
N ASP A 216 -15.98 5.33 27.06
CA ASP A 216 -15.77 4.77 25.73
C ASP A 216 -15.10 5.79 24.79
N SER A 217 -15.15 7.09 25.13
CA SER A 217 -14.53 8.12 24.33
C SER A 217 -13.18 8.58 24.87
N TYR A 218 -12.81 8.14 26.07
CA TYR A 218 -11.64 8.68 26.76
C TYR A 218 -10.36 8.55 25.94
N LYS A 219 -10.10 7.34 25.41
CA LYS A 219 -8.86 7.14 24.67
C LYS A 219 -8.74 8.06 23.46
N ASP A 220 -9.82 8.17 22.70
CA ASP A 220 -9.82 8.97 21.50
C ASP A 220 -9.69 10.47 21.81
N SER A 221 -10.50 10.97 22.74
CA SER A 221 -10.41 12.37 23.11
C SER A 221 -9.04 12.74 23.68
N THR A 222 -8.42 11.88 24.50
CA THR A 222 -7.12 12.19 25.06
C THR A 222 -6.04 12.20 23.98
N LEU A 223 -6.17 11.34 22.98
CA LEU A 223 -5.24 11.37 21.87
C LEU A 223 -5.32 12.69 21.09
N ILE A 224 -6.53 13.16 20.79
CA ILE A 224 -6.68 14.46 20.13
C ILE A 224 -6.14 15.62 20.98
N MET A 225 -6.38 15.58 22.30
CA MET A 225 -5.85 16.63 23.16
C MET A 225 -4.31 16.65 23.16
N GLN A 226 -3.69 15.48 23.07
CA GLN A 226 -2.23 15.38 22.98
C GLN A 226 -1.74 16.03 21.69
N LEU A 227 -2.46 15.81 20.59
CA LEU A 227 -2.09 16.37 19.29
C LEU A 227 -2.26 17.89 19.32
N LEU A 228 -3.30 18.39 20.00
CA LEU A 228 -3.43 19.84 20.16
C LEU A 228 -2.18 20.38 20.89
N ARG A 229 -1.81 19.73 22.00
CA ARG A 229 -0.65 20.14 22.79
C ARG A 229 0.61 20.12 21.92
N ASP A 230 0.80 19.03 21.16
CA ASP A 230 2.03 18.89 20.36
C ASP A 230 2.10 19.96 19.24
N ASN A 231 0.99 20.20 18.56
CA ASN A 231 0.93 21.30 17.60
C ASN A 231 1.22 22.65 18.24
N LEU A 232 0.65 22.88 19.43
CA LEU A 232 0.89 24.16 20.13
C LEU A 232 2.38 24.35 20.44
N THR A 233 3.05 23.26 20.85
CA THR A 233 4.49 23.27 21.08
C THR A 233 5.25 23.59 19.79
N LEU A 234 4.85 22.95 18.68
CA LEU A 234 5.46 23.17 17.37
C LEU A 234 5.27 24.60 16.86
N TRP A 235 4.12 25.19 17.15
CA TRP A 235 3.75 26.49 16.57
C TRP A 235 4.24 27.70 17.38
N THR A 236 4.66 27.47 18.62
CA THR A 236 5.05 28.55 19.52
C THR A 236 6.52 28.48 19.91
N ASP B 1 8.76 20.51 10.78
CA ASP B 1 7.73 19.46 10.99
C ASP B 1 6.33 19.92 10.58
N ARG B 2 5.59 19.00 9.97
CA ARG B 2 4.23 19.28 9.58
C ARG B 2 3.35 19.18 10.84
N SER B 3 2.33 20.02 10.86
CA SER B 3 1.31 19.91 11.90
C SER B 3 0.62 18.54 11.85
N SER B 4 0.13 18.06 13.01
CA SER B 4 -0.58 16.79 13.05
C SER B 4 -2.08 17.03 12.97
N ALA B 6 -6.03 14.86 12.81
CA ALA B 6 -6.63 13.70 13.45
C ALA B 6 -6.19 12.40 12.76
N PRO B 7 -5.77 11.39 13.54
CA PRO B 7 -5.28 10.11 12.97
C PRO B 7 -6.44 9.20 12.65
N ASN B 8 -6.17 8.04 12.00
CA ASN B 8 -7.12 6.94 12.00
C ASN B 8 -7.30 6.34 13.38
N VAL B 9 -8.55 6.22 13.82
CA VAL B 9 -8.86 5.47 15.03
C VAL B 9 -9.32 4.08 14.58
N GLY C 1 0.30 4.99 -19.48
CA GLY C 1 -0.66 4.77 -20.55
C GLY C 1 0.00 4.17 -21.80
N ALA C 2 0.15 5.01 -22.83
CA ALA C 2 0.82 4.62 -24.08
C ALA C 2 2.34 4.80 -24.08
N MET C 3 3.04 3.75 -23.65
CA MET C 3 4.45 3.84 -23.33
C MET C 3 5.38 3.51 -24.50
N GLY C 4 4.79 2.99 -25.59
CA GLY C 4 5.56 2.60 -26.75
C GLY C 4 6.37 3.74 -27.38
N SER C 5 5.79 4.94 -27.35
CA SER C 5 6.39 6.12 -27.92
C SER C 5 7.26 6.94 -26.97
N MET C 6 7.31 6.53 -25.69
CA MET C 6 8.05 7.26 -24.66
C MET C 6 9.52 6.92 -24.76
N GLU C 7 10.37 7.92 -24.52
CA GLU C 7 11.78 7.68 -24.38
C GLU C 7 12.06 6.64 -23.29
N ARG C 8 12.93 5.68 -23.64
CA ARG C 8 13.32 4.67 -22.66
C ARG C 8 13.92 5.34 -21.42
N ALA C 9 14.76 6.37 -21.62
CA ALA C 9 15.42 7.00 -20.48
C ALA C 9 14.39 7.67 -19.57
N SER C 10 13.31 8.21 -20.15
CA SER C 10 12.23 8.79 -19.37
C SER C 10 11.46 7.78 -18.53
N LEU C 11 11.21 6.60 -19.10
CA LEU C 11 10.57 5.51 -18.41
C LEU C 11 11.41 5.05 -17.21
N ILE C 12 12.74 4.94 -17.37
CA ILE C 12 13.59 4.56 -16.25
C ILE C 12 13.61 5.65 -15.17
N GLN C 13 13.67 6.91 -15.59
CA GLN C 13 13.69 8.01 -14.65
C GLN C 13 12.39 8.01 -13.83
N LYS C 14 11.25 7.81 -14.52
CA LYS C 14 9.97 7.72 -13.84
C LYS C 14 9.85 6.52 -12.93
N ALA C 15 10.42 5.37 -13.29
CA ALA C 15 10.48 4.24 -12.39
C ALA C 15 11.23 4.58 -11.09
N LYS C 16 12.34 5.30 -11.19
CA LYS C 16 13.08 5.74 -10.02
C LYS C 16 12.31 6.72 -9.14
N LEU C 17 11.56 7.63 -9.78
CA LEU C 17 10.73 8.59 -9.05
C LEU C 17 9.64 7.80 -8.30
N ALA C 18 8.99 6.88 -9.00
CA ALA C 18 7.92 6.09 -8.41
C ALA C 18 8.44 5.29 -7.22
N GLU C 19 9.67 4.81 -7.31
CA GLU C 19 10.29 4.12 -6.20
C GLU C 19 10.43 5.03 -4.99
N GLN C 20 10.93 6.26 -5.19
CA GLN C 20 11.11 7.20 -4.10
C GLN C 20 9.77 7.56 -3.46
N ALA C 21 8.70 7.58 -4.27
CA ALA C 21 7.36 7.89 -3.81
C ALA C 21 6.56 6.69 -3.25
N GLU C 22 7.17 5.50 -3.32
CA GLU C 22 6.59 4.26 -2.83
C GLU C 22 5.34 3.92 -3.62
N ARG C 23 5.35 4.29 -4.90
CA ARG C 23 4.27 4.00 -5.83
C ARG C 23 4.66 2.79 -6.67
N TYR C 24 4.56 1.57 -6.12
CA TYR C 24 5.17 0.41 -6.76
C TYR C 24 4.40 -0.06 -7.98
N GLU C 25 3.06 0.09 -8.00
CA GLU C 25 2.32 -0.27 -9.21
C GLU C 25 2.77 0.58 -10.40
N ASP C 26 2.92 1.90 -10.16
CA ASP C 26 3.41 2.77 -11.21
C ASP C 26 4.83 2.37 -11.64
N MET C 27 5.71 2.15 -10.66
CA MET C 27 7.08 1.76 -10.93
C MET C 27 7.12 0.52 -11.84
N ALA C 28 6.27 -0.47 -11.54
CA ALA C 28 6.24 -1.68 -12.33
C ALA C 28 5.80 -1.42 -13.75
N ALA C 29 4.75 -0.60 -13.90
CA ALA C 29 4.30 -0.24 -15.21
C ALA C 29 5.36 0.47 -16.04
N PHE C 30 6.07 1.42 -15.41
CA PHE C 30 7.18 2.11 -16.08
C PHE C 30 8.26 1.11 -16.53
N MET C 31 8.61 0.14 -15.68
CA MET C 31 9.64 -0.82 -16.03
C MET C 31 9.16 -1.79 -17.10
N LYS C 32 7.87 -2.17 -17.11
CA LYS C 32 7.31 -2.95 -18.21
C LYS C 32 7.47 -2.20 -19.52
N GLY C 33 7.12 -0.90 -19.50
CA GLY C 33 7.32 -0.09 -20.70
C GLY C 33 8.77 -0.05 -21.15
N ALA C 34 9.70 0.03 -20.20
CA ALA C 34 11.13 0.08 -20.53
C ALA C 34 11.59 -1.23 -21.15
N VAL C 35 11.14 -2.35 -20.57
CA VAL C 35 11.42 -3.66 -21.15
C VAL C 35 10.94 -3.75 -22.59
N GLU C 36 9.76 -3.24 -22.84
CA GLU C 36 9.11 -3.30 -24.15
C GLU C 36 9.78 -2.43 -25.20
N LYS C 37 10.74 -1.57 -24.81
CA LYS C 37 11.53 -0.81 -25.77
C LYS C 37 12.48 -1.73 -26.52
N GLY C 38 12.73 -2.94 -25.96
CA GLY C 38 13.40 -4.02 -26.66
C GLY C 38 14.91 -4.15 -26.45
N GLU C 39 15.51 -3.29 -25.62
CA GLU C 39 16.91 -3.37 -25.27
C GLU C 39 17.14 -4.22 -24.04
N GLU C 40 18.35 -4.75 -23.87
CA GLU C 40 18.67 -5.48 -22.64
C GLU C 40 18.64 -4.51 -21.46
N LEU C 41 18.48 -5.07 -20.26
CA LEU C 41 18.50 -4.30 -19.04
C LEU C 41 19.92 -4.33 -18.46
N SER C 42 20.26 -3.25 -17.78
CA SER C 42 21.46 -3.16 -16.95
C SER C 42 21.17 -3.76 -15.56
N CYS C 43 22.18 -3.77 -14.70
CA CYS C 43 21.99 -4.23 -13.33
C CYS C 43 20.99 -3.42 -12.55
N GLU C 44 21.20 -2.11 -12.60
CA GLU C 44 20.34 -1.19 -11.87
C GLU C 44 18.91 -1.47 -12.37
N GLU C 45 18.78 -1.63 -13.70
CA GLU C 45 17.45 -1.75 -14.27
C GLU C 45 16.77 -3.06 -13.88
N ARG C 46 17.54 -4.17 -13.85
CA ARG C 46 16.98 -5.41 -13.29
C ARG C 46 16.51 -5.27 -11.85
N ASN C 47 17.24 -4.50 -11.06
CA ASN C 47 16.88 -4.25 -9.70
C ASN C 47 15.57 -3.46 -9.62
N LEU C 48 15.42 -2.44 -10.45
CA LEU C 48 14.19 -1.67 -10.48
C LEU C 48 13.01 -2.58 -10.87
N LEU C 49 13.18 -3.44 -11.87
CA LEU C 49 12.12 -4.30 -12.37
C LEU C 49 11.69 -5.25 -11.24
N SER C 50 12.70 -5.83 -10.60
CA SER C 50 12.51 -6.77 -9.49
C SER C 50 11.84 -6.15 -8.27
N VAL C 51 12.35 -5.01 -7.80
CA VAL C 51 11.77 -4.32 -6.66
C VAL C 51 10.30 -3.98 -6.90
N ALA C 52 10.03 -3.46 -8.12
CA ALA C 52 8.69 -2.98 -8.41
C ALA C 52 7.69 -4.14 -8.31
N TYR C 53 7.93 -5.20 -9.10
CA TYR C 53 6.97 -6.29 -9.17
C TYR C 53 6.94 -7.08 -7.85
N LYS C 54 8.07 -7.21 -7.16
CA LYS C 54 8.08 -7.94 -5.88
C LYS C 54 7.27 -7.20 -4.83
N ASN C 55 7.30 -5.84 -4.86
CA ASN C 55 6.44 -5.08 -3.96
C ASN C 55 4.95 -5.23 -4.26
N VAL C 56 4.60 -5.18 -5.54
CA VAL C 56 3.20 -5.36 -5.94
C VAL C 56 2.72 -6.77 -5.52
N VAL C 57 3.42 -7.81 -5.96
CA VAL C 57 2.96 -9.16 -5.68
C VAL C 57 3.05 -9.46 -4.18
N GLY C 58 4.05 -8.87 -3.51
CA GLY C 58 4.22 -9.02 -2.07
C GLY C 58 2.98 -8.57 -1.30
N GLY C 59 2.44 -7.41 -1.69
CA GLY C 59 1.21 -6.90 -1.11
C GLY C 59 0.03 -7.85 -1.31
N GLN C 60 -0.08 -8.38 -2.55
CA GLN C 60 -1.17 -9.24 -2.95
C GLN C 60 -1.06 -10.55 -2.18
N ARG C 61 0.16 -11.10 -2.08
CA ARG C 61 0.38 -12.36 -1.35
C ARG C 61 -0.02 -12.19 0.11
N ALA C 62 0.41 -11.08 0.74
CA ALA C 62 0.11 -10.86 2.14
C ALA C 62 -1.41 -10.79 2.33
N ALA C 63 -2.11 -10.09 1.43
CA ALA C 63 -3.55 -9.93 1.56
C ALA C 63 -4.25 -11.27 1.34
N TRP C 64 -3.79 -12.01 0.32
CA TRP C 64 -4.32 -13.33 0.05
C TRP C 64 -4.22 -14.24 1.28
N ARG C 65 -3.06 -14.23 1.93
CA ARG C 65 -2.85 -15.05 3.12
C ARG C 65 -3.78 -14.72 4.26
N VAL C 66 -3.98 -13.41 4.49
CA VAL C 66 -4.95 -13.01 5.50
C VAL C 66 -6.32 -13.57 5.18
N LEU C 67 -6.76 -13.38 3.92
CA LEU C 67 -8.12 -13.76 3.53
C LEU C 67 -8.30 -15.28 3.57
N SER C 68 -7.30 -16.03 3.09
CA SER C 68 -7.35 -17.49 3.11
C SER C 68 -7.50 -18.01 4.52
N SER C 69 -6.78 -17.38 5.46
CA SER C 69 -6.87 -17.80 6.85
C SER C 69 -8.27 -17.55 7.39
N ILE C 70 -8.81 -16.33 7.14
CA ILE C 70 -10.18 -16.04 7.57
C ILE C 70 -11.20 -17.02 6.95
N GLU C 71 -11.01 -17.32 5.64
CA GLU C 71 -11.89 -18.24 4.93
C GLU C 71 -11.89 -19.60 5.60
N GLN C 72 -10.70 -20.13 5.87
CA GLN C 72 -10.55 -21.46 6.43
C GLN C 72 -11.10 -21.55 7.86
N LYS C 73 -10.90 -20.48 8.65
CA LYS C 73 -11.37 -20.44 10.02
C LYS C 73 -12.89 -20.41 10.02
N SER C 74 -13.45 -19.60 9.13
CA SER C 74 -14.88 -19.55 8.95
C SER C 74 -15.49 -20.90 8.58
N ASN C 75 -14.94 -21.53 7.55
CA ASN C 75 -15.46 -22.82 7.07
C ASN C 75 -15.39 -23.94 8.13
N GLU C 76 -14.28 -23.96 8.90
CA GLU C 76 -14.07 -24.87 10.01
C GLU C 76 -15.09 -24.72 11.13
N GLU C 77 -15.39 -23.46 11.47
CA GLU C 77 -16.45 -23.20 12.42
C GLU C 77 -17.76 -23.78 11.89
N GLY C 78 -17.99 -23.60 10.59
CA GLY C 78 -19.04 -24.32 9.89
C GLY C 78 -20.45 -23.80 10.14
N SER C 79 -20.55 -22.54 10.59
CA SER C 79 -21.84 -21.90 10.77
CA SER C 79 -21.79 -21.78 10.73
C SER C 79 -22.68 -21.89 9.49
N GLU C 80 -23.99 -22.19 9.67
CA GLU C 80 -24.90 -22.29 8.55
C GLU C 80 -24.88 -21.01 7.70
N GLU C 81 -24.34 -19.89 8.24
CA GLU C 81 -24.52 -18.56 7.67
C GLU C 81 -23.31 -17.71 7.29
N LYS C 82 -22.09 -18.20 7.51
CA LYS C 82 -20.95 -17.36 7.17
C LYS C 82 -20.10 -18.06 6.11
N GLY C 83 -19.28 -17.29 5.35
CA GLY C 83 -18.30 -17.82 4.40
C GLY C 83 -18.27 -17.31 2.96
N PRO C 84 -19.45 -17.01 2.33
CA PRO C 84 -19.51 -16.66 0.91
C PRO C 84 -18.78 -15.36 0.56
N GLU C 85 -18.93 -14.32 1.40
CA GLU C 85 -18.22 -13.07 1.11
C GLU C 85 -16.70 -13.18 1.16
N VAL C 86 -16.16 -13.84 2.19
CA VAL C 86 -14.71 -13.94 2.25
C VAL C 86 -14.17 -14.81 1.12
N ARG C 87 -14.87 -15.89 0.73
CA ARG C 87 -14.47 -16.68 -0.41
C ARG C 87 -14.40 -15.82 -1.67
N GLU C 88 -15.46 -15.05 -1.93
CA GLU C 88 -15.52 -14.23 -3.14
C GLU C 88 -14.43 -13.17 -3.16
N TYR C 89 -14.15 -12.57 -1.99
CA TYR C 89 -13.12 -11.52 -1.94
C TYR C 89 -11.72 -12.11 -2.05
N ARG C 90 -11.48 -13.26 -1.39
CA ARG C 90 -10.24 -13.99 -1.59
C ARG C 90 -10.03 -14.31 -3.08
N GLU C 91 -11.10 -14.74 -3.78
CA GLU C 91 -11.00 -15.05 -5.20
C GLU C 91 -10.66 -13.80 -6.02
N LYS C 92 -11.20 -12.63 -5.63
CA LYS C 92 -10.92 -11.38 -6.32
C LYS C 92 -9.43 -11.02 -6.20
N VAL C 93 -8.90 -11.09 -4.97
CA VAL C 93 -7.49 -10.82 -4.73
C VAL C 93 -6.61 -11.81 -5.49
N GLU C 94 -6.99 -13.08 -5.42
CA GLU C 94 -6.26 -14.14 -6.10
C GLU C 94 -6.17 -13.88 -7.61
N THR C 95 -7.27 -13.43 -8.20
CA THR C 95 -7.32 -13.17 -9.63
C THR C 95 -6.35 -12.04 -9.99
N GLU C 96 -6.34 -11.01 -9.15
CA GLU C 96 -5.43 -9.90 -9.37
C GLU C 96 -3.96 -10.31 -9.26
N LEU C 97 -3.65 -11.13 -8.25
CA LEU C 97 -2.32 -11.70 -8.09
C LEU C 97 -1.86 -12.52 -9.28
N GLN C 98 -2.73 -13.40 -9.75
CA GLN C 98 -2.44 -14.22 -10.91
C GLN C 98 -2.17 -13.34 -12.12
N GLY C 99 -2.95 -12.28 -12.27
CA GLY C 99 -2.72 -11.33 -13.36
C GLY C 99 -1.35 -10.67 -13.37
N VAL C 100 -0.88 -10.27 -12.19
CA VAL C 100 0.46 -9.70 -12.10
C VAL C 100 1.53 -10.74 -12.41
N CYS C 101 1.38 -11.94 -11.85
CA CYS C 101 2.33 -13.02 -12.13
C CYS C 101 2.36 -13.29 -13.62
N ASP C 102 1.18 -13.36 -14.26
CA ASP C 102 1.15 -13.63 -15.70
C ASP C 102 1.85 -12.54 -16.52
N THR C 103 1.73 -11.28 -16.08
CA THR C 103 2.40 -10.17 -16.72
C THR C 103 3.91 -10.34 -16.65
N VAL C 104 4.42 -10.69 -15.47
CA VAL C 104 5.86 -10.84 -15.28
C VAL C 104 6.36 -12.02 -16.12
N LEU C 105 5.65 -13.13 -16.06
CA LEU C 105 6.05 -14.30 -16.83
C LEU C 105 6.03 -13.99 -18.33
N GLY C 106 5.05 -13.20 -18.76
CA GLY C 106 4.93 -12.82 -20.17
C GLY C 106 6.14 -12.01 -20.63
N LEU C 107 6.58 -11.08 -19.79
CA LEU C 107 7.72 -10.22 -20.10
C LEU C 107 9.01 -11.06 -20.15
N LEU C 108 9.15 -12.00 -19.21
CA LEU C 108 10.33 -12.87 -19.21
C LEU C 108 10.39 -13.67 -20.50
N ASP C 109 9.25 -14.23 -20.93
CA ASP C 109 9.20 -15.07 -22.12
C ASP C 109 9.30 -14.26 -23.40
N SER C 110 8.66 -13.11 -23.45
CA SER C 110 8.61 -12.36 -24.70
C SER C 110 9.85 -11.54 -24.99
N HIS C 111 10.53 -11.07 -23.92
CA HIS C 111 11.59 -10.08 -24.03
C HIS C 111 12.89 -10.45 -23.31
N LEU C 112 12.84 -10.98 -22.09
CA LEU C 112 14.02 -10.96 -21.25
C LEU C 112 14.91 -12.21 -21.32
N ILE C 113 14.32 -13.41 -21.30
CA ILE C 113 15.14 -14.61 -21.13
C ILE C 113 15.93 -14.87 -22.41
N LYS C 114 15.21 -14.90 -23.54
CA LYS C 114 15.92 -15.13 -24.78
C LYS C 114 17.03 -14.11 -25.06
N GLU C 115 16.77 -12.81 -24.80
CA GLU C 115 17.61 -11.70 -25.20
C GLU C 115 18.82 -11.44 -24.29
N ALA C 116 18.92 -12.12 -23.13
CA ALA C 116 20.08 -11.94 -22.25
C ALA C 116 21.40 -12.43 -22.86
N GLY C 117 22.42 -11.56 -22.87
CA GLY C 117 23.75 -12.00 -23.28
C GLY C 117 24.32 -12.99 -22.28
N ASP C 118 24.66 -12.47 -21.11
CA ASP C 118 25.60 -13.13 -20.25
C ASP C 118 24.90 -14.10 -19.30
N ALA C 119 25.67 -15.00 -18.72
CA ALA C 119 25.17 -16.05 -17.86
C ALA C 119 24.50 -15.46 -16.63
N GLU C 120 25.12 -14.40 -16.10
CA GLU C 120 24.58 -13.81 -14.88
C GLU C 120 23.15 -13.32 -15.09
N SER C 121 22.90 -12.60 -16.18
CA SER C 121 21.57 -12.09 -16.38
C SER C 121 20.58 -13.20 -16.78
N ARG C 122 21.01 -14.19 -17.55
CA ARG C 122 20.17 -15.35 -17.85
C ARG C 122 19.73 -16.07 -16.59
N VAL C 123 20.63 -16.29 -15.64
CA VAL C 123 20.30 -16.94 -14.39
C VAL C 123 19.32 -16.09 -13.57
N PHE C 124 19.55 -14.77 -13.50
CA PHE C 124 18.63 -13.87 -12.83
C PHE C 124 17.20 -13.97 -13.36
N TYR C 125 17.05 -14.01 -14.70
CA TYR C 125 15.70 -14.07 -15.28
C TYR C 125 15.06 -15.46 -15.11
N LEU C 126 15.84 -16.52 -15.19
CA LEU C 126 15.29 -17.86 -14.96
C LEU C 126 14.87 -18.07 -13.52
N LYS C 127 15.66 -17.54 -12.59
CA LYS C 127 15.27 -17.45 -11.20
C LYS C 127 13.94 -16.72 -11.07
N MET C 128 13.82 -15.57 -11.75
CA MET C 128 12.60 -14.78 -11.61
C MET C 128 11.39 -15.59 -12.13
N LYS C 129 11.58 -16.33 -13.23
CA LYS C 129 10.52 -17.19 -13.75
C LYS C 129 10.12 -18.26 -12.74
N GLY C 130 11.11 -18.86 -12.08
CA GLY C 130 10.82 -19.81 -11.02
C GLY C 130 10.03 -19.18 -9.88
N ASP C 131 10.46 -17.99 -9.45
CA ASP C 131 9.76 -17.29 -8.38
C ASP C 131 8.30 -16.96 -8.69
N TYR C 132 8.00 -16.46 -9.90
CA TYR C 132 6.62 -16.08 -10.21
C TYR C 132 5.75 -17.31 -10.48
N TYR C 133 6.31 -18.41 -11.01
CA TYR C 133 5.55 -19.66 -10.98
C TYR C 133 5.33 -20.16 -9.56
N ARG C 134 6.33 -19.95 -8.67
CA ARG C 134 6.16 -20.32 -7.27
C ARG C 134 5.01 -19.53 -6.64
N TYR C 135 4.92 -18.23 -6.95
CA TYR C 135 3.83 -17.41 -6.40
C TYR C 135 2.49 -17.88 -6.97
N LEU C 136 2.43 -18.30 -8.24
CA LEU C 136 1.21 -18.90 -8.76
C LEU C 136 0.89 -20.21 -8.03
N ALA C 137 1.92 -20.98 -7.70
CA ALA C 137 1.70 -22.28 -7.06
C ALA C 137 1.12 -22.11 -5.65
N GLU C 138 1.47 -21.02 -4.96
CA GLU C 138 0.94 -20.79 -3.61
C GLU C 138 -0.59 -20.76 -3.59
N VAL C 139 -1.18 -20.31 -4.71
CA VAL C 139 -2.62 -20.12 -4.74
C VAL C 139 -3.33 -21.14 -5.63
N ALA C 140 -2.56 -21.98 -6.33
CA ALA C 140 -3.15 -22.93 -7.26
C ALA C 140 -3.73 -24.14 -6.54
N THR C 141 -4.79 -24.74 -7.13
CA THR C 141 -5.35 -25.98 -6.62
C THR C 141 -5.42 -27.02 -7.74
N GLY C 142 -5.40 -28.29 -7.33
CA GLY C 142 -5.66 -29.43 -8.21
C GLY C 142 -4.59 -29.72 -9.28
N ASP C 143 -5.06 -30.05 -10.49
CA ASP C 143 -4.18 -30.41 -11.59
C ASP C 143 -3.39 -29.22 -12.14
N ASP C 144 -4.01 -28.03 -12.15
CA ASP C 144 -3.29 -26.83 -12.55
C ASP C 144 -2.05 -26.64 -11.65
N LYS C 145 -2.23 -27.00 -10.37
CA LYS C 145 -1.17 -26.83 -9.39
C LYS C 145 0.04 -27.66 -9.81
N LYS C 146 -0.18 -28.92 -10.20
CA LYS C 146 0.91 -29.81 -10.56
C LYS C 146 1.71 -29.26 -11.74
N ARG C 147 1.02 -28.76 -12.78
CA ARG C 147 1.69 -28.17 -13.94
C ARG C 147 2.52 -26.93 -13.54
N ILE C 148 1.92 -26.08 -12.72
CA ILE C 148 2.61 -24.87 -12.26
C ILE C 148 3.87 -25.20 -11.45
N ILE C 149 3.77 -26.21 -10.58
CA ILE C 149 4.91 -26.63 -9.80
C ILE C 149 6.03 -27.14 -10.72
N ASP C 150 5.65 -27.92 -11.75
CA ASP C 150 6.63 -28.45 -12.68
C ASP C 150 7.34 -27.31 -13.41
N SER C 151 6.58 -26.29 -13.80
CA SER C 151 7.13 -25.13 -14.49
C SER C 151 8.14 -24.37 -13.61
N ALA C 152 7.81 -24.19 -12.32
CA ALA C 152 8.73 -23.58 -11.38
C ALA C 152 10.01 -24.39 -11.22
N ARG C 153 9.84 -25.71 -11.03
CA ARG C 153 10.98 -26.59 -10.88
C ARG C 153 11.90 -26.52 -12.11
N SER C 154 11.32 -26.54 -13.32
CA SER C 154 12.11 -26.56 -14.54
C SER C 154 12.96 -25.31 -14.67
N ALA C 155 12.33 -24.16 -14.34
CA ALA C 155 13.01 -22.86 -14.43
C ALA C 155 14.17 -22.80 -13.42
N TYR C 156 13.86 -23.12 -12.15
CA TYR C 156 14.91 -23.18 -11.16
C TYR C 156 16.06 -24.13 -11.49
N GLN C 157 15.75 -25.34 -11.98
CA GLN C 157 16.81 -26.29 -12.26
C GLN C 157 17.72 -25.79 -13.38
N GLU C 158 17.13 -25.20 -14.42
CA GLU C 158 17.92 -24.63 -15.51
C GLU C 158 18.85 -23.52 -15.01
N ALA C 159 18.30 -22.66 -14.14
CA ALA C 159 19.09 -21.62 -13.52
C ALA C 159 20.23 -22.20 -12.70
N MET C 160 19.94 -23.24 -11.90
CA MET C 160 20.94 -23.86 -11.06
C MET C 160 22.06 -24.46 -11.90
N ASP C 161 21.69 -25.11 -13.00
CA ASP C 161 22.68 -25.75 -13.86
C ASP C 161 23.66 -24.76 -14.48
N ILE C 162 23.13 -23.63 -14.94
CA ILE C 162 23.97 -22.56 -15.48
C ILE C 162 24.85 -21.95 -14.39
N SER C 163 24.24 -21.63 -13.24
CA SER C 163 24.97 -20.96 -12.18
C SER C 163 26.17 -21.77 -11.67
N LYS C 164 26.03 -23.11 -11.63
CA LYS C 164 27.09 -23.98 -11.18
C LYS C 164 28.24 -24.04 -12.18
N LYS C 165 27.93 -23.90 -13.48
CA LYS C 165 28.95 -23.88 -14.52
C LYS C 165 29.63 -22.52 -14.69
N GLU C 166 28.94 -21.43 -14.36
CA GLU C 166 29.34 -20.12 -14.85
C GLU C 166 29.66 -19.08 -13.79
N MET C 167 29.22 -19.31 -12.53
CA MET C 167 29.25 -18.27 -11.51
C MET C 167 29.87 -18.82 -10.22
N PRO C 168 30.63 -18.01 -9.46
CA PRO C 168 31.18 -18.47 -8.20
C PRO C 168 30.10 -18.69 -7.16
N PRO C 169 30.35 -19.55 -6.17
CA PRO C 169 29.34 -19.88 -5.16
C PRO C 169 28.91 -18.72 -4.27
N THR C 170 29.70 -17.64 -4.22
CA THR C 170 29.35 -16.46 -3.46
C THR C 170 28.66 -15.35 -4.25
N ASN C 171 28.44 -15.57 -5.55
CA ASN C 171 27.73 -14.61 -6.36
C ASN C 171 26.32 -14.38 -5.82
N PRO C 172 25.88 -13.13 -5.59
CA PRO C 172 24.57 -12.88 -4.99
C PRO C 172 23.40 -13.47 -5.77
N ILE C 173 23.47 -13.46 -7.10
CA ILE C 173 22.42 -14.04 -7.93
C ILE C 173 22.35 -15.55 -7.70
N ARG C 174 23.51 -16.23 -7.75
CA ARG C 174 23.56 -17.66 -7.49
C ARG C 174 23.02 -17.98 -6.10
N LEU C 175 23.43 -17.18 -5.10
CA LEU C 175 22.94 -17.38 -3.74
C LEU C 175 21.43 -17.17 -3.58
N GLY C 176 20.92 -16.09 -4.15
CA GLY C 176 19.49 -15.80 -4.08
C GLY C 176 18.64 -16.89 -4.75
N LEU C 177 19.16 -17.39 -5.90
CA LEU C 177 18.53 -18.51 -6.59
C LEU C 177 18.48 -19.76 -5.70
N ALA C 178 19.61 -20.13 -5.11
CA ALA C 178 19.63 -21.32 -4.30
C ALA C 178 18.72 -21.21 -3.08
N LEU C 179 18.74 -20.03 -2.45
CA LEU C 179 17.83 -19.75 -1.35
C LEU C 179 16.38 -19.97 -1.77
N ASN C 180 15.96 -19.35 -2.88
CA ASN C 180 14.58 -19.47 -3.33
C ASN C 180 14.19 -20.88 -3.78
N PHE C 181 15.11 -21.61 -4.42
CA PHE C 181 14.83 -22.98 -4.83
C PHE C 181 14.67 -23.86 -3.60
N SER C 182 15.49 -23.61 -2.55
CA SER C 182 15.31 -24.36 -1.31
C SER C 182 13.93 -24.08 -0.68
N VAL C 183 13.47 -22.83 -0.71
CA VAL C 183 12.13 -22.48 -0.24
C VAL C 183 11.05 -23.19 -1.07
N PHE C 184 11.21 -23.23 -2.39
CA PHE C 184 10.35 -24.02 -3.26
C PHE C 184 10.26 -25.48 -2.79
N HIS C 185 11.41 -26.10 -2.52
CA HIS C 185 11.41 -27.49 -2.10
C HIS C 185 10.60 -27.69 -0.82
N TYR C 186 10.78 -26.75 0.14
CA TYR C 186 10.22 -26.94 1.46
C TYR C 186 8.73 -26.62 1.47
N GLU C 187 8.37 -25.48 0.90
CA GLU C 187 7.07 -24.88 1.07
C GLU C 187 6.09 -25.34 -0.03
N ILE C 188 6.61 -25.67 -1.21
CA ILE C 188 5.76 -25.93 -2.36
C ILE C 188 5.72 -27.40 -2.76
N ALA C 189 6.91 -28.00 -2.87
CA ALA C 189 7.09 -29.34 -3.41
C ALA C 189 7.06 -30.43 -2.34
N ASN C 190 6.82 -30.02 -1.09
CA ASN C 190 6.86 -30.92 0.06
C ASN C 190 8.06 -31.89 0.03
N SER C 191 9.25 -31.29 -0.14
CA SER C 191 10.51 -32.03 -0.16
C SER C 191 11.52 -31.43 0.81
N PRO C 192 11.27 -31.60 2.12
CA PRO C 192 12.10 -30.98 3.15
C PRO C 192 13.54 -31.47 3.11
N GLU C 193 13.75 -32.75 2.76
CA GLU C 193 15.11 -33.28 2.71
C GLU C 193 15.93 -32.55 1.65
N GLU C 194 15.32 -32.36 0.48
CA GLU C 194 16.00 -31.62 -0.58
C GLU C 194 16.23 -30.15 -0.21
N ALA C 195 15.22 -29.54 0.43
CA ALA C 195 15.39 -28.17 0.88
C ALA C 195 16.61 -28.00 1.80
N ILE C 196 16.67 -28.87 2.82
CA ILE C 196 17.71 -28.78 3.83
C ILE C 196 19.08 -29.05 3.22
N SER C 197 19.20 -30.10 2.39
CA SER C 197 20.50 -30.38 1.82
C SER C 197 20.98 -29.30 0.84
N LEU C 198 20.08 -28.75 0.02
CA LEU C 198 20.45 -27.64 -0.86
C LEU C 198 20.90 -26.42 -0.03
N ALA C 199 20.13 -26.07 1.00
CA ALA C 199 20.48 -24.94 1.82
C ALA C 199 21.82 -25.13 2.53
N LYS C 200 22.05 -26.34 3.06
CA LYS C 200 23.29 -26.60 3.79
C LYS C 200 24.50 -26.55 2.84
N THR C 201 24.39 -27.19 1.67
CA THR C 201 25.47 -27.17 0.69
C THR C 201 25.76 -25.74 0.25
N THR C 202 24.69 -24.98 -0.04
CA THR C 202 24.86 -23.60 -0.49
C THR C 202 25.59 -22.76 0.54
N PHE C 203 25.14 -22.87 1.81
CA PHE C 203 25.73 -22.10 2.90
C PHE C 203 27.21 -22.45 3.05
N ASP C 204 27.51 -23.74 3.10
CA ASP C 204 28.87 -24.20 3.36
C ASP C 204 29.83 -23.79 2.24
N GLU C 205 29.39 -23.95 0.98
CA GLU C 205 30.24 -23.62 -0.16
C GLU C 205 30.50 -22.12 -0.27
N ALA C 206 29.48 -21.33 0.10
CA ALA C 206 29.65 -19.88 0.14
C ALA C 206 30.63 -19.48 1.25
N MET C 207 30.47 -20.08 2.43
CA MET C 207 31.35 -19.81 3.56
C MET C 207 32.81 -20.09 3.19
N ALA C 208 33.04 -21.20 2.48
CA ALA C 208 34.38 -21.63 2.12
C ALA C 208 35.10 -20.65 1.19
N ASP C 209 34.34 -19.87 0.42
CA ASP C 209 34.97 -18.89 -0.48
C ASP C 209 34.76 -17.44 -0.04
N LEU C 210 34.24 -17.26 1.18
CA LEU C 210 33.90 -15.94 1.69
C LEU C 210 35.10 -14.98 1.72
N HIS C 211 36.31 -15.52 1.95
CA HIS C 211 37.51 -14.73 2.01
C HIS C 211 37.85 -14.01 0.70
N THR C 212 37.20 -14.39 -0.42
CA THR C 212 37.45 -13.78 -1.70
C THR C 212 36.40 -12.77 -2.18
N SER C 214 34.60 -10.16 -3.04
CA SER C 214 34.66 -8.70 -3.27
C SER C 214 33.77 -7.97 -2.27
N GLU C 215 34.27 -6.86 -1.70
CA GLU C 215 33.51 -6.10 -0.73
C GLU C 215 32.22 -5.52 -1.33
N ASP C 216 32.23 -5.27 -2.63
CA ASP C 216 31.05 -4.75 -3.32
C ASP C 216 29.85 -5.71 -3.27
N SER C 217 30.11 -7.03 -3.16
CA SER C 217 29.04 -8.02 -3.05
C SER C 217 28.86 -8.57 -1.64
N TYR C 218 29.82 -8.27 -0.75
CA TYR C 218 29.85 -8.85 0.58
C TYR C 218 28.55 -8.73 1.37
N LYS C 219 27.98 -7.52 1.43
CA LYS C 219 26.77 -7.31 2.22
C LYS C 219 25.62 -8.16 1.70
N ASP C 220 25.41 -8.16 0.38
CA ASP C 220 24.32 -8.92 -0.20
C ASP C 220 24.50 -10.43 0.01
N SER C 221 25.69 -10.94 -0.33
CA SER C 221 25.96 -12.35 -0.17
C SER C 221 25.83 -12.84 1.29
N THR C 222 26.34 -12.06 2.25
CA THR C 222 26.29 -12.49 3.65
C THR C 222 24.85 -12.42 4.17
N LEU C 223 24.05 -11.47 3.66
CA LEU C 223 22.64 -11.43 4.04
C LEU C 223 21.90 -12.69 3.59
N ILE C 224 22.15 -13.15 2.35
CA ILE C 224 21.54 -14.38 1.87
C ILE C 224 22.01 -15.58 2.69
N MET C 225 23.31 -15.63 3.03
CA MET C 225 23.80 -16.71 3.87
C MET C 225 23.11 -16.75 5.24
N GLN C 226 22.78 -15.59 5.80
CA GLN C 226 22.06 -15.53 7.06
C GLN C 226 20.65 -16.08 6.90
N LEU C 227 19.98 -15.79 5.77
CA LEU C 227 18.66 -16.31 5.53
C LEU C 227 18.68 -17.83 5.32
N LEU C 228 19.74 -18.35 4.68
CA LEU C 228 19.92 -19.79 4.61
C LEU C 228 20.02 -20.38 6.02
N ARG C 229 20.81 -19.74 6.89
CA ARG C 229 21.00 -20.21 8.26
C ARG C 229 19.66 -20.19 9.00
N ASP C 230 18.90 -19.10 8.85
CA ASP C 230 17.62 -18.95 9.54
C ASP C 230 16.62 -20.03 9.11
N ASN C 231 16.53 -20.26 7.79
CA ASN C 231 15.72 -21.35 7.28
C ASN C 231 16.13 -22.71 7.84
N LEU C 232 17.44 -22.97 7.85
CA LEU C 232 17.96 -24.24 8.34
C LEU C 232 17.59 -24.45 9.81
N THR C 233 17.65 -23.38 10.61
CA THR C 233 17.23 -23.43 12.02
C THR C 233 15.73 -23.72 12.15
N LEU C 234 14.92 -23.05 11.32
CA LEU C 234 13.48 -23.28 11.27
C LEU C 234 13.09 -24.68 10.82
N TRP C 235 13.86 -25.27 9.90
CA TRP C 235 13.50 -26.54 9.26
C TRP C 235 14.01 -27.74 10.05
N THR C 236 14.95 -27.51 10.95
CA THR C 236 15.52 -28.56 11.79
C THR C 236 15.37 -28.24 13.27
N ASP D 1 6.54 -19.68 11.64
CA ASP D 1 7.01 -18.79 10.57
C ASP D 1 6.98 -19.48 9.21
N ARG D 2 6.85 -18.68 8.15
CA ARG D 2 7.13 -19.15 6.80
C ARG D 2 8.63 -19.03 6.57
N SER D 3 9.12 -19.81 5.60
CA SER D 3 10.51 -19.70 5.21
C SER D 3 10.82 -18.31 4.65
N SER D 4 12.07 -17.89 4.74
CA SER D 4 12.50 -16.62 4.21
C SER D 4 13.05 -16.82 2.81
N ALA D 6 14.60 -14.53 -0.81
CA ALA D 6 15.55 -13.46 -1.04
C ALA D 6 14.82 -12.13 -0.94
N PRO D 7 15.36 -11.11 -0.24
CA PRO D 7 14.65 -9.84 -0.08
C PRO D 7 14.87 -8.88 -1.25
N ASN D 8 14.26 -7.68 -1.17
CA ASN D 8 14.66 -6.55 -2.00
C ASN D 8 15.99 -5.91 -1.59
N VAL D 9 16.95 -5.80 -2.51
CA VAL D 9 18.18 -5.06 -2.24
C VAL D 9 17.97 -3.65 -2.79
#